data_1FWM
#
_entry.id   1FWM
#
_cell.length_a   127.060
_cell.length_b   127.060
_cell.length_c   67.670
_cell.angle_alpha   90.00
_cell.angle_beta   90.00
_cell.angle_gamma   120.00
#
_symmetry.space_group_name_H-M   'P 63'
#
loop_
_entity.id
_entity.type
_entity.pdbx_description
1 polymer 'THYMIDYLATE SYNTHASE'
2 non-polymer 'SULFATE ION'
3 non-polymer '10-PROPARGYL-5,8-DIDEAZAFOLIC ACID'
4 water water
#
_entity_poly.entity_id   1
_entity_poly.type   'polypeptide(L)'
_entity_poly.pdbx_seq_one_letter_code
;(CXM)KQYLELMQKVLDEGTQKNDRTGTGTLSIFGHQMRFNLQDGFPLVTTKRCHLRSIIHELLWFLQGDTNIAYLHENN
VTIWDEWADENGDLGPVYGKQWRAWPTPDGRHIDQITTVLNQLKNDPDSRRIIVSAWNVGELDKMALAPCHAFFQFYVAD
GKLSCQLYQQSCDVFLGLPFNIASYALLVHMMAQQCDLEVGDFVWTGGDTHLYSNHMDQTHLQLSREPRPLPKLIIKRKP
ESIFDYRFEDFEIEGYDPHPGIKAPVAI
;
_entity_poly.pdbx_strand_id   A,B
#
loop_
_chem_comp.id
_chem_comp.type
_chem_comp.name
_chem_comp.formula
CB3 non-polymer '10-PROPARGYL-5,8-DIDEAZAFOLIC ACID' 'C24 H23 N5 O6'
SO4 non-polymer 'SULFATE ION' 'O4 S -2'
#
# COMPACT_ATOMS: atom_id res chain seq x y z
N CXM A 1 12.40 -4.51 -19.20
CA CXM A 1 12.18 -3.08 -19.28
CB CXM A 1 10.79 -2.73 -18.78
CG CXM A 1 9.62 -3.37 -19.52
SD CXM A 1 8.04 -2.87 -18.79
CE CXM A 1 7.80 -4.10 -17.53
C CXM A 1 13.19 -2.34 -18.42
O CXM A 1 13.62 -2.85 -17.38
CN CXM A 1 12.29 -5.29 -20.25
ON1 CXM A 1 12.55 -6.46 -20.15
ON2 CXM A 1 11.90 -4.78 -21.28
N LYS A 2 13.54 -1.13 -18.81
CA LYS A 2 14.52 -0.36 -18.05
C LYS A 2 14.27 -0.35 -16.53
N GLN A 3 13.05 0.03 -16.12
CA GLN A 3 12.72 0.09 -14.71
C GLN A 3 12.85 -1.24 -14.00
N TYR A 4 12.37 -2.30 -14.66
CA TYR A 4 12.43 -3.64 -14.09
C TYR A 4 13.87 -4.09 -13.87
N LEU A 5 14.71 -3.92 -14.90
CA LEU A 5 16.11 -4.30 -14.83
C LEU A 5 16.83 -3.54 -13.75
N GLU A 6 16.45 -2.28 -13.56
CA GLU A 6 17.09 -1.47 -12.53
C GLU A 6 16.68 -1.96 -11.15
N LEU A 7 15.44 -2.44 -11.03
CA LEU A 7 14.98 -2.96 -9.74
C LEU A 7 15.79 -4.21 -9.40
N MET A 8 15.98 -5.08 -10.39
CA MET A 8 16.75 -6.30 -10.17
C MET A 8 18.16 -5.98 -9.70
N GLN A 9 18.84 -5.11 -10.42
CA GLN A 9 20.21 -4.73 -10.07
C GLN A 9 20.23 -4.13 -8.67
N LYS A 10 19.11 -3.54 -8.27
CA LYS A 10 19.05 -2.92 -6.96
C LYS A 10 18.99 -3.92 -5.80
N VAL A 11 18.18 -4.98 -5.93
CA VAL A 11 18.10 -5.94 -4.85
C VAL A 11 19.43 -6.69 -4.76
N LEU A 12 20.11 -6.84 -5.90
CA LEU A 12 21.40 -7.52 -5.91
C LEU A 12 22.47 -6.69 -5.23
N ASP A 13 22.39 -5.36 -5.37
CA ASP A 13 23.36 -4.45 -4.76
C ASP A 13 23.09 -4.11 -3.31
N GLU A 14 21.82 -3.97 -2.95
CA GLU A 14 21.49 -3.58 -1.58
C GLU A 14 20.74 -4.62 -0.77
N GLY A 15 20.43 -5.76 -1.39
CA GLY A 15 19.69 -6.79 -0.71
C GLY A 15 20.40 -7.49 0.43
N THR A 16 19.60 -8.00 1.38
CA THR A 16 20.11 -8.73 2.53
C THR A 16 19.63 -10.16 2.40
N GLN A 17 20.43 -11.12 2.86
CA GLN A 17 20.04 -12.51 2.79
C GLN A 17 19.02 -12.82 3.86
N LYS A 18 17.92 -13.42 3.45
CA LYS A 18 16.87 -13.80 4.40
C LYS A 18 16.40 -15.22 4.09
N ASN A 19 15.75 -15.82 5.08
CA ASN A 19 15.21 -17.17 4.93
C ASN A 19 13.71 -17.00 4.73
N ASP A 20 13.04 -18.00 4.18
CA ASP A 20 11.61 -17.91 3.99
C ASP A 20 10.91 -19.22 4.33
N ARG A 21 9.59 -19.18 4.41
CA ARG A 21 8.80 -20.36 4.75
C ARG A 21 9.08 -21.63 3.95
N THR A 22 9.85 -21.52 2.86
CA THR A 22 10.15 -22.70 2.07
C THR A 22 11.52 -23.27 2.40
N GLY A 23 12.48 -22.39 2.65
CA GLY A 23 13.83 -22.84 2.98
C GLY A 23 14.80 -22.63 1.83
N THR A 24 14.35 -21.92 0.81
CA THR A 24 15.18 -21.63 -0.36
C THR A 24 16.16 -20.51 -0.08
N GLY A 25 15.67 -19.46 0.56
CA GLY A 25 16.51 -18.31 0.86
C GLY A 25 16.30 -17.26 -0.20
N THR A 26 16.34 -15.99 0.21
CA THR A 26 16.14 -14.89 -0.72
C THR A 26 17.11 -13.75 -0.46
N LEU A 27 17.28 -12.94 -1.48
CA LEU A 27 18.07 -11.73 -1.39
C LEU A 27 16.97 -10.68 -1.34
N SER A 28 16.93 -9.80 -0.33
CA SER A 28 15.78 -8.90 -0.33
C SER A 28 15.94 -7.48 0.18
N ILE A 29 15.17 -6.58 -0.41
CA ILE A 29 15.16 -5.19 0.02
C ILE A 29 13.73 -4.90 0.46
N PHE A 30 13.54 -3.79 1.16
CA PHE A 30 12.22 -3.42 1.63
C PHE A 30 11.90 -1.99 1.22
N GLY A 31 10.86 -1.84 0.43
CA GLY A 31 10.46 -0.53 -0.03
C GLY A 31 11.04 -0.10 -1.37
N HIS A 32 10.21 -0.04 -2.40
CA HIS A 32 10.63 0.40 -3.71
C HIS A 32 9.39 0.88 -4.45
N GLN A 33 9.58 1.73 -5.46
CA GLN A 33 8.47 2.27 -6.24
C GLN A 33 8.98 2.62 -7.62
N MET A 34 8.21 2.26 -8.65
CA MET A 34 8.55 2.58 -10.02
C MET A 34 7.27 2.88 -10.78
N ARG A 35 7.39 3.72 -11.81
CA ARG A 35 6.23 4.14 -12.56
C ARG A 35 6.31 3.76 -14.03
N PHE A 36 5.16 3.43 -14.62
CA PHE A 36 5.10 3.08 -16.03
C PHE A 36 4.06 3.96 -16.71
N ASN A 37 4.49 4.75 -17.69
CA ASN A 37 3.55 5.59 -18.40
C ASN A 37 2.96 4.70 -19.49
N LEU A 38 1.74 4.25 -19.28
CA LEU A 38 1.07 3.35 -20.21
C LEU A 38 0.91 3.84 -21.65
N GLN A 39 1.16 5.11 -21.90
CA GLN A 39 1.05 5.62 -23.26
C GLN A 39 2.37 5.42 -24.02
N ASP A 40 3.43 5.11 -23.28
CA ASP A 40 4.74 4.86 -23.90
C ASP A 40 4.72 3.48 -24.52
N GLY A 41 3.75 2.66 -24.11
CA GLY A 41 3.65 1.31 -24.63
C GLY A 41 3.18 0.36 -23.54
N PHE A 42 2.84 -0.87 -23.91
CA PHE A 42 2.36 -1.87 -22.96
C PHE A 42 3.56 -2.47 -22.21
N PRO A 43 3.58 -2.34 -20.88
CA PRO A 43 4.67 -2.85 -20.05
C PRO A 43 4.81 -4.37 -19.88
N LEU A 44 5.22 -5.04 -20.95
CA LEU A 44 5.42 -6.49 -20.92
C LEU A 44 6.93 -6.67 -21.08
N VAL A 45 7.60 -7.26 -20.09
CA VAL A 45 9.06 -7.41 -20.20
C VAL A 45 9.51 -8.09 -21.49
N THR A 46 10.54 -7.50 -22.10
CA THR A 46 11.11 -7.99 -23.34
C THR A 46 12.45 -8.74 -23.16
N THR A 47 13.09 -8.60 -22.01
CA THR A 47 14.36 -9.28 -21.79
C THR A 47 14.25 -10.80 -21.59
N LYS A 48 13.05 -11.33 -21.81
CA LYS A 48 12.75 -12.77 -21.74
C LYS A 48 11.31 -12.90 -22.20
N ARG A 49 10.97 -13.98 -22.90
CA ARG A 49 9.60 -14.16 -23.39
C ARG A 49 8.59 -14.41 -22.28
N CYS A 50 7.48 -13.68 -22.31
CA CYS A 50 6.43 -13.85 -21.32
C CYS A 50 5.22 -14.49 -21.98
N HIS A 51 4.38 -15.11 -21.15
CA HIS A 51 3.20 -15.82 -21.62
C HIS A 51 1.91 -14.99 -21.48
N LEU A 52 1.54 -14.26 -22.52
CA LEU A 52 0.32 -13.45 -22.48
C LEU A 52 -0.90 -14.30 -22.16
N ARG A 53 -0.99 -15.45 -22.80
CA ARG A 53 -2.09 -16.37 -22.61
C ARG A 53 -2.40 -16.53 -21.12
N SER A 54 -1.37 -16.81 -20.33
CA SER A 54 -1.54 -17.00 -18.90
C SER A 54 -1.97 -15.73 -18.17
N ILE A 55 -1.37 -14.60 -18.53
CA ILE A 55 -1.69 -13.36 -17.85
C ILE A 55 -3.11 -12.90 -18.09
N ILE A 56 -3.57 -12.97 -19.34
CA ILE A 56 -4.93 -12.55 -19.68
C ILE A 56 -6.00 -13.41 -19.03
N HIS A 57 -5.85 -14.72 -19.14
CA HIS A 57 -6.82 -15.64 -18.57
C HIS A 57 -6.88 -15.55 -17.05
N GLU A 58 -5.77 -15.27 -16.41
CA GLU A 58 -5.82 -15.15 -14.96
C GLU A 58 -6.70 -13.96 -14.61
N LEU A 59 -6.44 -12.83 -15.26
CA LEU A 59 -7.21 -11.62 -14.98
C LEU A 59 -8.71 -11.76 -15.24
N LEU A 60 -9.06 -12.45 -16.32
CA LEU A 60 -10.47 -12.65 -16.67
C LEU A 60 -11.11 -13.53 -15.62
N TRP A 61 -10.31 -14.45 -15.11
CA TRP A 61 -10.70 -15.39 -14.07
C TRP A 61 -10.99 -14.62 -12.77
N PHE A 62 -10.10 -13.70 -12.40
CA PHE A 62 -10.29 -12.87 -11.21
C PHE A 62 -11.61 -12.08 -11.33
N LEU A 63 -11.78 -11.41 -12.46
CA LEU A 63 -12.94 -10.57 -12.72
C LEU A 63 -14.28 -11.26 -12.65
N GLN A 64 -14.29 -12.58 -12.85
CA GLN A 64 -15.53 -13.34 -12.77
C GLN A 64 -15.82 -13.76 -11.34
N GLY A 65 -14.85 -13.56 -10.43
CA GLY A 65 -15.02 -13.94 -9.04
C GLY A 65 -14.77 -15.40 -8.78
N ASP A 66 -14.08 -16.04 -9.72
CA ASP A 66 -13.79 -17.46 -9.62
C ASP A 66 -12.55 -17.75 -8.78
N THR A 67 -12.57 -18.85 -8.04
CA THR A 67 -11.44 -19.23 -7.20
C THR A 67 -11.09 -20.71 -7.38
N ASN A 68 -11.67 -21.35 -8.40
CA ASN A 68 -11.40 -22.75 -8.71
C ASN A 68 -10.62 -22.75 -10.02
N ILE A 69 -9.64 -23.64 -10.14
CA ILE A 69 -8.81 -23.68 -11.34
C ILE A 69 -9.38 -24.35 -12.59
N ALA A 70 -10.63 -24.80 -12.51
CA ALA A 70 -11.25 -25.46 -13.66
C ALA A 70 -11.17 -24.59 -14.91
N TYR A 71 -11.55 -23.33 -14.77
CA TYR A 71 -11.53 -22.41 -15.89
C TYR A 71 -10.13 -22.30 -16.48
N LEU A 72 -9.14 -22.14 -15.62
CA LEU A 72 -7.77 -22.01 -16.08
C LEU A 72 -7.32 -23.25 -16.83
N HIS A 73 -7.79 -24.42 -16.40
CA HIS A 73 -7.43 -25.65 -17.08
C HIS A 73 -8.09 -25.74 -18.45
N GLU A 74 -9.34 -25.29 -18.55
CA GLU A 74 -10.04 -25.34 -19.82
C GLU A 74 -9.27 -24.53 -20.86
N ASN A 75 -8.39 -23.64 -20.39
CA ASN A 75 -7.60 -22.80 -21.27
C ASN A 75 -6.10 -23.03 -21.19
N ASN A 76 -5.71 -24.18 -20.66
CA ASN A 76 -4.30 -24.54 -20.55
C ASN A 76 -3.40 -23.59 -19.76
N VAL A 77 -3.89 -23.13 -18.61
CA VAL A 77 -3.10 -22.27 -17.76
C VAL A 77 -2.95 -23.06 -16.46
N THR A 78 -1.70 -23.35 -16.13
CA THR A 78 -1.37 -24.17 -14.96
C THR A 78 -0.61 -23.43 -13.89
N ILE A 79 -0.53 -22.12 -14.01
CA ILE A 79 0.21 -21.34 -13.03
C ILE A 79 -0.28 -21.47 -11.60
N TRP A 80 -1.51 -21.93 -11.38
CA TRP A 80 -2.03 -22.05 -10.03
C TRP A 80 -2.14 -23.45 -9.43
N ASP A 81 -1.87 -24.46 -10.23
CA ASP A 81 -1.96 -25.85 -9.81
C ASP A 81 -1.34 -26.25 -8.46
N GLU A 82 -0.12 -25.82 -8.19
CA GLU A 82 0.56 -26.18 -6.94
C GLU A 82 -0.18 -25.85 -5.65
N TRP A 83 -1.10 -24.91 -5.69
CA TRP A 83 -1.81 -24.50 -4.49
C TRP A 83 -3.26 -24.94 -4.36
N ALA A 84 -3.84 -25.44 -5.45
CA ALA A 84 -5.23 -25.86 -5.42
C ALA A 84 -5.38 -27.18 -4.67
N ASP A 85 -6.52 -27.39 -4.03
CA ASP A 85 -6.72 -28.64 -3.30
C ASP A 85 -7.24 -29.70 -4.28
N GLU A 86 -7.67 -30.83 -3.75
CA GLU A 86 -8.18 -31.94 -4.57
C GLU A 86 -9.29 -31.56 -5.53
N ASN A 87 -10.09 -30.56 -5.17
CA ASN A 87 -11.21 -30.13 -6.01
C ASN A 87 -10.91 -28.94 -6.89
N GLY A 88 -9.67 -28.46 -6.86
CA GLY A 88 -9.30 -27.32 -7.68
C GLY A 88 -9.56 -26.00 -6.99
N ASP A 89 -9.93 -26.07 -5.72
CA ASP A 89 -10.24 -24.88 -4.94
C ASP A 89 -9.03 -24.23 -4.28
N LEU A 90 -9.02 -22.90 -4.28
CA LEU A 90 -7.94 -22.12 -3.71
C LEU A 90 -8.41 -21.37 -2.47
N GLY A 91 -9.72 -21.42 -2.21
CA GLY A 91 -10.27 -20.71 -1.08
C GLY A 91 -10.64 -19.31 -1.53
N PRO A 92 -11.19 -18.47 -0.64
CA PRO A 92 -11.58 -17.11 -1.01
C PRO A 92 -10.43 -16.14 -1.33
N VAL A 93 -9.76 -16.35 -2.45
CA VAL A 93 -8.64 -15.49 -2.83
C VAL A 93 -9.09 -14.33 -3.72
N TYR A 94 -8.15 -13.72 -4.44
CA TYR A 94 -8.44 -12.57 -5.32
C TYR A 94 -9.85 -12.43 -5.89
N GLY A 95 -10.25 -13.39 -6.73
CA GLY A 95 -11.56 -13.33 -7.35
C GLY A 95 -12.73 -13.12 -6.41
N LYS A 96 -12.71 -13.81 -5.28
CA LYS A 96 -13.80 -13.69 -4.31
C LYS A 96 -13.80 -12.37 -3.57
N GLN A 97 -12.63 -11.93 -3.11
CA GLN A 97 -12.54 -10.67 -2.37
C GLN A 97 -12.88 -9.47 -3.23
N TRP A 98 -12.46 -9.52 -4.48
CA TRP A 98 -12.71 -8.46 -5.45
C TRP A 98 -14.19 -8.24 -5.75
N ARG A 99 -14.87 -9.34 -6.06
CA ARG A 99 -16.28 -9.33 -6.46
C ARG A 99 -17.28 -9.58 -5.34
N ALA A 100 -16.84 -10.14 -4.23
CA ALA A 100 -17.76 -10.41 -3.14
C ALA A 100 -17.17 -10.46 -1.73
N TRP A 101 -16.64 -9.34 -1.26
CA TRP A 101 -16.07 -9.27 0.08
C TRP A 101 -17.23 -9.38 1.08
N PRO A 102 -17.19 -10.38 1.97
CA PRO A 102 -18.25 -10.58 2.97
C PRO A 102 -18.11 -9.65 4.17
N THR A 103 -19.23 -9.03 4.55
CA THR A 103 -19.26 -8.11 5.68
C THR A 103 -19.81 -8.87 6.90
N PRO A 104 -19.70 -8.29 8.10
CA PRO A 104 -20.21 -8.97 9.29
C PRO A 104 -21.74 -9.09 9.31
N ASP A 105 -22.44 -8.12 8.73
CA ASP A 105 -23.89 -8.14 8.71
C ASP A 105 -24.52 -8.95 7.58
N GLY A 106 -23.78 -9.90 7.02
CA GLY A 106 -24.34 -10.72 5.96
C GLY A 106 -24.43 -10.15 4.55
N ARG A 107 -23.77 -9.02 4.28
CA ARG A 107 -23.78 -8.47 2.95
C ARG A 107 -22.48 -8.84 2.24
N HIS A 108 -22.41 -8.48 0.97
CA HIS A 108 -21.22 -8.77 0.17
C HIS A 108 -20.97 -7.55 -0.69
N ILE A 109 -19.73 -7.06 -0.67
CA ILE A 109 -19.40 -5.89 -1.46
C ILE A 109 -18.65 -6.26 -2.73
N ASP A 110 -19.14 -5.76 -3.85
CA ASP A 110 -18.51 -6.00 -5.15
C ASP A 110 -17.61 -4.78 -5.36
N GLN A 111 -16.32 -4.92 -5.05
CA GLN A 111 -15.37 -3.82 -5.15
C GLN A 111 -15.09 -3.34 -6.56
N ILE A 112 -15.11 -4.26 -7.51
CA ILE A 112 -14.85 -3.89 -8.89
C ILE A 112 -15.96 -2.98 -9.42
N THR A 113 -17.22 -3.35 -9.22
CA THR A 113 -18.27 -2.51 -9.74
C THR A 113 -18.36 -1.20 -8.96
N THR A 114 -18.05 -1.22 -7.66
CA THR A 114 -18.14 0.03 -6.93
C THR A 114 -17.05 0.97 -7.43
N VAL A 115 -15.88 0.44 -7.75
CA VAL A 115 -14.81 1.29 -8.27
C VAL A 115 -15.21 1.84 -9.65
N LEU A 116 -15.86 1.03 -10.46
CA LEU A 116 -16.29 1.52 -11.77
C LEU A 116 -17.29 2.66 -11.58
N ASN A 117 -18.20 2.53 -10.63
CA ASN A 117 -19.15 3.61 -10.38
C ASN A 117 -18.48 4.87 -9.84
N GLN A 118 -17.42 4.70 -9.06
CA GLN A 118 -16.70 5.87 -8.55
C GLN A 118 -15.95 6.59 -9.65
N LEU A 119 -15.43 5.83 -10.61
CA LEU A 119 -14.68 6.42 -11.71
C LEU A 119 -15.59 7.23 -12.62
N LYS A 120 -16.86 6.85 -12.68
CA LYS A 120 -17.79 7.57 -13.53
C LYS A 120 -18.42 8.79 -12.83
N ASN A 121 -18.90 8.62 -11.61
CA ASN A 121 -19.57 9.69 -10.89
C ASN A 121 -18.79 10.47 -9.83
N ASP A 122 -17.69 9.89 -9.33
CA ASP A 122 -16.89 10.54 -8.30
C ASP A 122 -15.40 10.30 -8.53
N PRO A 123 -14.91 10.60 -9.75
CA PRO A 123 -13.50 10.40 -10.10
C PRO A 123 -12.49 11.13 -9.22
N ASP A 124 -12.93 12.17 -8.52
CA ASP A 124 -12.03 12.93 -7.66
C ASP A 124 -11.91 12.35 -6.26
N SER A 125 -12.70 11.30 -6.00
CA SER A 125 -12.65 10.64 -4.70
C SER A 125 -11.24 10.09 -4.42
N ARG A 126 -10.86 10.10 -3.15
CA ARG A 126 -9.55 9.62 -2.77
C ARG A 126 -9.66 8.25 -2.10
N ARG A 127 -10.82 7.62 -2.27
CA ARG A 127 -11.12 6.31 -1.70
C ARG A 127 -11.41 5.27 -2.80
N ILE A 128 -10.87 5.45 -4.00
CA ILE A 128 -11.12 4.49 -5.08
C ILE A 128 -10.11 3.36 -4.92
N ILE A 129 -10.45 2.45 -4.02
CA ILE A 129 -9.60 1.36 -3.63
C ILE A 129 -10.19 -0.05 -3.70
N VAL A 130 -9.33 -1.03 -3.98
CA VAL A 130 -9.73 -2.43 -4.02
C VAL A 130 -8.76 -3.21 -3.13
N SER A 131 -9.29 -3.99 -2.21
CA SER A 131 -8.42 -4.76 -1.34
C SER A 131 -8.74 -6.24 -1.33
N ALA A 132 -7.69 -7.06 -1.33
CA ALA A 132 -7.86 -8.50 -1.28
C ALA A 132 -7.41 -8.98 0.11
N TRP A 133 -6.91 -8.06 0.93
CA TRP A 133 -6.43 -8.43 2.25
C TRP A 133 -7.55 -8.50 3.29
N ASN A 134 -8.34 -9.57 3.21
CA ASN A 134 -9.44 -9.78 4.13
C ASN A 134 -8.90 -10.55 5.33
N VAL A 135 -8.53 -9.79 6.36
CA VAL A 135 -7.97 -10.34 7.57
C VAL A 135 -8.82 -11.47 8.14
N GLY A 136 -10.13 -11.32 8.07
CA GLY A 136 -11.03 -12.32 8.62
C GLY A 136 -11.12 -13.63 7.85
N GLU A 137 -10.56 -13.68 6.64
CA GLU A 137 -10.64 -14.91 5.86
C GLU A 137 -9.28 -15.44 5.41
N LEU A 138 -8.21 -14.79 5.87
CA LEU A 138 -6.86 -15.21 5.52
C LEU A 138 -6.61 -16.69 5.77
N ASP A 139 -7.18 -17.23 6.85
CA ASP A 139 -6.95 -18.62 7.16
C ASP A 139 -7.66 -19.63 6.27
N LYS A 140 -8.57 -19.17 5.41
CA LYS A 140 -9.27 -20.07 4.50
C LYS A 140 -8.62 -20.07 3.12
N MET A 141 -7.65 -19.18 2.90
CA MET A 141 -6.99 -19.07 1.61
C MET A 141 -5.81 -20.04 1.46
N ALA A 142 -5.64 -20.59 0.26
CA ALA A 142 -4.55 -21.53 -0.01
C ALA A 142 -3.23 -20.78 0.15
N LEU A 143 -3.26 -19.50 -0.16
CA LEU A 143 -2.08 -18.62 -0.07
C LEU A 143 -2.50 -17.24 0.42
N ALA A 144 -1.57 -16.52 1.04
CA ALA A 144 -1.85 -15.15 1.45
C ALA A 144 -1.63 -14.29 0.22
N PRO A 145 -2.63 -13.51 -0.19
CA PRO A 145 -2.52 -12.65 -1.37
C PRO A 145 -1.26 -11.78 -1.35
N CYS A 146 -0.41 -11.87 -2.38
CA CYS A 146 0.80 -11.05 -2.40
C CYS A 146 0.60 -9.65 -3.00
N HIS A 147 -0.42 -9.48 -3.85
CA HIS A 147 -0.75 -8.16 -4.40
C HIS A 147 -2.15 -7.88 -3.94
N ALA A 148 -2.27 -7.40 -2.70
CA ALA A 148 -3.59 -7.26 -2.05
C ALA A 148 -4.16 -5.86 -1.88
N PHE A 149 -3.61 -4.84 -2.50
CA PHE A 149 -4.11 -3.46 -2.30
C PHE A 149 -3.77 -2.57 -3.46
N PHE A 150 -4.79 -2.00 -4.12
CA PHE A 150 -4.50 -1.09 -5.22
C PHE A 150 -5.46 0.09 -5.27
N GLN A 151 -5.00 1.19 -5.84
CA GLN A 151 -5.78 2.41 -5.90
C GLN A 151 -5.84 3.06 -7.29
N PHE A 152 -7.00 3.61 -7.63
CA PHE A 152 -7.20 4.29 -8.91
C PHE A 152 -7.20 5.80 -8.68
N TYR A 153 -6.81 6.55 -9.69
CA TYR A 153 -6.71 7.99 -9.59
C TYR A 153 -7.00 8.57 -10.96
N VAL A 154 -7.71 9.69 -11.01
CA VAL A 154 -8.06 10.33 -12.27
C VAL A 154 -7.58 11.77 -12.29
N ALA A 155 -6.99 12.17 -13.41
CA ALA A 155 -6.49 13.53 -13.55
C ALA A 155 -6.31 13.81 -15.03
N ASP A 156 -6.79 14.96 -15.47
CA ASP A 156 -6.67 15.33 -16.86
C ASP A 156 -7.17 14.23 -17.79
N GLY A 157 -8.34 13.69 -17.46
CA GLY A 157 -8.94 12.64 -18.26
C GLY A 157 -8.14 11.36 -18.45
N LYS A 158 -7.20 11.11 -17.55
CA LYS A 158 -6.36 9.91 -17.64
C LYS A 158 -6.46 9.09 -16.36
N LEU A 159 -6.58 7.78 -16.52
CA LEU A 159 -6.69 6.86 -15.40
C LEU A 159 -5.34 6.28 -14.97
N SER A 160 -5.00 6.45 -13.70
CA SER A 160 -3.76 5.91 -13.14
C SER A 160 -4.11 4.87 -12.09
N CYS A 161 -3.13 4.04 -11.73
CA CYS A 161 -3.36 3.00 -10.75
C CYS A 161 -2.07 2.67 -10.03
N GLN A 162 -2.16 2.54 -8.72
CA GLN A 162 -0.98 2.20 -7.92
C GLN A 162 -1.29 0.93 -7.16
N LEU A 163 -0.39 -0.04 -7.28
CA LEU A 163 -0.52 -1.32 -6.61
C LEU A 163 0.54 -1.40 -5.52
N TYR A 164 0.13 -1.84 -4.33
CA TYR A 164 1.08 -2.01 -3.25
C TYR A 164 1.25 -3.52 -3.16
N GLN A 165 2.42 -4.02 -3.54
CA GLN A 165 2.67 -5.45 -3.48
C GLN A 165 3.57 -5.71 -2.26
N GLN A 166 2.98 -6.26 -1.21
CA GLN A 166 3.68 -6.55 0.03
C GLN A 166 4.78 -7.60 -0.08
N SER A 167 4.58 -8.58 -0.95
CA SER A 167 5.58 -9.63 -1.11
C SER A 167 5.76 -9.86 -2.61
N CYS A 168 6.98 -9.66 -3.09
CA CYS A 168 7.21 -9.78 -4.51
C CYS A 168 8.38 -10.64 -4.92
N ASP A 169 8.03 -11.64 -5.69
CA ASP A 169 9.01 -12.50 -6.28
C ASP A 169 9.45 -11.75 -7.51
N VAL A 170 10.62 -11.12 -7.49
CA VAL A 170 11.00 -10.26 -8.62
C VAL A 170 11.21 -10.97 -9.95
N PHE A 171 11.80 -12.15 -9.95
CA PHE A 171 12.07 -12.87 -11.20
C PHE A 171 10.83 -13.48 -11.86
N LEU A 172 10.09 -14.26 -11.11
CA LEU A 172 8.93 -14.98 -11.61
C LEU A 172 7.62 -14.18 -11.58
N GLY A 173 7.25 -13.66 -10.41
CA GLY A 173 5.99 -12.98 -10.25
C GLY A 173 5.88 -11.54 -10.77
N LEU A 174 6.92 -10.71 -10.62
CA LEU A 174 6.76 -9.30 -10.99
C LEU A 174 6.37 -9.05 -12.43
N PRO A 175 6.96 -9.71 -13.41
CA PRO A 175 6.55 -9.44 -14.80
C PRO A 175 5.07 -9.74 -15.03
N PHE A 176 4.55 -10.77 -14.37
CA PHE A 176 3.15 -11.14 -14.48
C PHE A 176 2.23 -10.06 -13.91
N ASN A 177 2.54 -9.65 -12.68
CA ASN A 177 1.73 -8.64 -12.00
C ASN A 177 1.72 -7.30 -12.73
N ILE A 178 2.88 -6.88 -13.24
CA ILE A 178 2.94 -5.61 -13.95
C ILE A 178 2.02 -5.62 -15.15
N ALA A 179 2.10 -6.68 -15.95
CA ALA A 179 1.29 -6.80 -17.16
C ALA A 179 -0.19 -6.96 -16.82
N SER A 180 -0.49 -7.72 -15.78
CA SER A 180 -1.86 -7.95 -15.36
C SER A 180 -2.58 -6.63 -15.06
N TYR A 181 -2.02 -5.85 -14.15
CA TYR A 181 -2.63 -4.58 -13.78
C TYR A 181 -2.66 -3.55 -14.90
N ALA A 182 -1.63 -3.54 -15.75
CA ALA A 182 -1.60 -2.62 -16.86
C ALA A 182 -2.81 -2.93 -17.74
N LEU A 183 -3.14 -4.21 -17.83
CA LEU A 183 -4.28 -4.64 -18.63
C LEU A 183 -5.59 -4.22 -17.96
N LEU A 184 -5.65 -4.30 -16.64
CA LEU A 184 -6.86 -3.90 -15.93
C LEU A 184 -7.07 -2.40 -16.16
N VAL A 185 -5.97 -1.64 -16.15
CA VAL A 185 -6.09 -0.21 -16.36
C VAL A 185 -6.68 0.12 -17.74
N HIS A 186 -6.25 -0.59 -18.79
CA HIS A 186 -6.80 -0.35 -20.13
C HIS A 186 -8.28 -0.70 -20.19
N MET A 187 -8.66 -1.79 -19.53
CA MET A 187 -10.06 -2.20 -19.51
C MET A 187 -10.92 -1.19 -18.75
N MET A 188 -10.41 -0.73 -17.62
CA MET A 188 -11.13 0.26 -16.81
C MET A 188 -11.29 1.54 -17.61
N ALA A 189 -10.17 2.02 -18.16
CA ALA A 189 -10.17 3.24 -18.96
C ALA A 189 -11.13 3.15 -20.14
N GLN A 190 -11.18 2.01 -20.81
CA GLN A 190 -12.09 1.88 -21.95
C GLN A 190 -13.55 1.91 -21.52
N GLN A 191 -13.84 1.34 -20.35
CA GLN A 191 -15.20 1.32 -19.85
C GLN A 191 -15.68 2.67 -19.33
N CYS A 192 -14.75 3.52 -18.91
CA CYS A 192 -15.10 4.82 -18.38
C CYS A 192 -14.79 5.92 -19.36
N ASP A 193 -14.42 5.55 -20.58
CA ASP A 193 -14.08 6.54 -21.61
C ASP A 193 -12.98 7.49 -21.16
N LEU A 194 -11.96 6.93 -20.52
CA LEU A 194 -10.82 7.72 -20.07
C LEU A 194 -9.59 7.24 -20.82
N GLU A 195 -8.54 8.04 -20.81
CA GLU A 195 -7.29 7.66 -21.44
C GLU A 195 -6.46 6.95 -20.36
N VAL A 196 -5.48 6.15 -20.75
CA VAL A 196 -4.65 5.48 -19.75
C VAL A 196 -3.58 6.43 -19.29
N GLY A 197 -3.27 6.39 -18.00
CA GLY A 197 -2.23 7.22 -17.42
C GLY A 197 -1.00 6.43 -16.97
N ASP A 198 -0.66 6.49 -15.69
CA ASP A 198 0.49 5.76 -15.18
C ASP A 198 0.10 4.54 -14.36
N PHE A 199 1.00 3.57 -14.32
CA PHE A 199 0.85 2.43 -13.45
C PHE A 199 1.99 2.57 -12.49
N VAL A 200 1.69 2.72 -11.21
CA VAL A 200 2.74 2.89 -10.21
C VAL A 200 2.86 1.61 -9.40
N TRP A 201 4.07 1.05 -9.35
CA TRP A 201 4.29 -0.17 -8.60
C TRP A 201 5.11 0.10 -7.33
N THR A 202 4.55 -0.24 -6.18
CA THR A 202 5.24 -0.06 -4.90
C THR A 202 5.39 -1.43 -4.24
N GLY A 203 6.59 -1.74 -3.77
CA GLY A 203 6.80 -3.02 -3.14
C GLY A 203 7.23 -3.01 -1.69
N GLY A 204 6.86 -4.05 -0.97
CA GLY A 204 7.25 -4.17 0.42
C GLY A 204 8.48 -5.07 0.40
N ASP A 205 8.31 -6.33 0.82
CA ASP A 205 9.42 -7.26 0.81
C ASP A 205 9.66 -7.65 -0.64
N THR A 206 10.61 -6.98 -1.28
CA THR A 206 10.92 -7.23 -2.69
C THR A 206 12.15 -8.11 -2.72
N HIS A 207 11.98 -9.34 -3.19
CA HIS A 207 13.09 -10.30 -3.19
C HIS A 207 13.34 -11.10 -4.46
N LEU A 208 14.50 -11.75 -4.45
CA LEU A 208 14.99 -12.59 -5.53
C LEU A 208 15.36 -13.89 -4.82
N TYR A 209 14.81 -15.01 -5.27
CA TYR A 209 15.13 -16.30 -4.65
C TYR A 209 16.55 -16.73 -5.01
N SER A 210 17.22 -17.40 -4.08
CA SER A 210 18.59 -17.86 -4.28
C SER A 210 18.82 -18.65 -5.56
N ASN A 211 17.85 -19.49 -5.94
CA ASN A 211 17.98 -20.29 -7.14
C ASN A 211 17.49 -19.59 -8.42
N HIS A 212 17.54 -18.26 -8.41
CA HIS A 212 17.13 -17.48 -9.57
C HIS A 212 18.26 -16.55 -9.99
N MET A 213 19.35 -16.58 -9.22
CA MET A 213 20.51 -15.72 -9.44
C MET A 213 21.17 -15.79 -10.81
N ASP A 214 21.43 -17.01 -11.30
CA ASP A 214 22.06 -17.14 -12.61
C ASP A 214 21.10 -16.62 -13.67
N GLN A 215 19.82 -16.96 -13.54
CA GLN A 215 18.83 -16.51 -14.50
C GLN A 215 18.73 -14.99 -14.46
N THR A 216 18.86 -14.42 -13.27
CA THR A 216 18.78 -12.98 -13.11
C THR A 216 19.92 -12.27 -13.82
N HIS A 217 21.13 -12.77 -13.63
CA HIS A 217 22.30 -12.18 -14.26
C HIS A 217 22.24 -12.37 -15.76
N LEU A 218 21.74 -13.53 -16.19
CA LEU A 218 21.58 -13.81 -17.60
C LEU A 218 20.68 -12.72 -18.20
N GLN A 219 19.54 -12.49 -17.54
CA GLN A 219 18.61 -11.49 -18.03
C GLN A 219 19.20 -10.08 -17.98
N LEU A 220 19.93 -9.78 -16.91
CA LEU A 220 20.54 -8.46 -16.72
C LEU A 220 21.55 -8.14 -17.82
N SER A 221 22.02 -9.16 -18.54
CA SER A 221 23.00 -8.93 -19.59
C SER A 221 22.35 -8.52 -20.91
N ARG A 222 21.02 -8.53 -20.95
CA ARG A 222 20.29 -8.19 -22.16
C ARG A 222 19.77 -6.77 -22.26
N GLU A 223 19.66 -6.30 -23.50
CA GLU A 223 19.19 -4.97 -23.79
C GLU A 223 17.67 -4.96 -24.03
N PRO A 224 16.92 -4.23 -23.18
CA PRO A 224 15.48 -4.21 -23.40
C PRO A 224 15.19 -3.66 -24.79
N ARG A 225 14.18 -4.26 -25.42
CA ARG A 225 13.75 -3.88 -26.75
C ARG A 225 12.53 -2.97 -26.67
N PRO A 226 12.07 -2.44 -27.81
CA PRO A 226 10.89 -1.56 -27.73
C PRO A 226 9.62 -2.22 -27.21
N LEU A 227 8.93 -1.51 -26.35
CA LEU A 227 7.69 -1.94 -25.71
C LEU A 227 6.60 -2.25 -26.72
N PRO A 228 5.86 -3.36 -26.53
CA PRO A 228 4.77 -3.70 -27.46
C PRO A 228 3.58 -2.76 -27.34
N LYS A 229 2.57 -2.97 -28.20
CA LYS A 229 1.36 -2.13 -28.22
C LYS A 229 0.12 -3.00 -27.97
N LEU A 230 -0.79 -2.51 -27.16
CA LEU A 230 -2.00 -3.25 -26.84
C LEU A 230 -3.17 -2.71 -27.66
N ILE A 231 -3.81 -3.58 -28.44
CA ILE A 231 -4.95 -3.16 -29.25
C ILE A 231 -6.19 -3.89 -28.79
N ILE A 232 -7.24 -3.15 -28.43
CA ILE A 232 -8.49 -3.75 -27.98
C ILE A 232 -9.49 -3.62 -29.13
N LYS A 233 -9.93 -4.75 -29.66
CA LYS A 233 -10.82 -4.77 -30.82
C LYS A 233 -12.31 -4.64 -30.56
N ARG A 234 -12.70 -4.40 -29.32
CA ARG A 234 -14.12 -4.35 -29.03
C ARG A 234 -14.39 -3.60 -27.73
N LYS A 235 -15.58 -3.04 -27.60
CA LYS A 235 -15.93 -2.35 -26.37
C LYS A 235 -17.14 -3.09 -25.80
N PRO A 236 -16.89 -4.07 -24.92
CA PRO A 236 -17.97 -4.85 -24.31
C PRO A 236 -18.93 -3.98 -23.49
N GLU A 237 -20.11 -4.52 -23.22
CA GLU A 237 -21.12 -3.80 -22.44
C GLU A 237 -20.67 -3.54 -21.00
N SER A 238 -19.87 -4.45 -20.45
CA SER A 238 -19.38 -4.29 -19.08
C SER A 238 -17.93 -4.76 -18.95
N ILE A 239 -17.33 -4.43 -17.81
CA ILE A 239 -15.95 -4.81 -17.52
C ILE A 239 -15.86 -6.32 -17.41
N PHE A 240 -17.00 -6.96 -17.20
CA PHE A 240 -17.10 -8.41 -17.04
C PHE A 240 -17.36 -9.22 -18.31
N ASP A 241 -17.39 -8.56 -19.46
CA ASP A 241 -17.69 -9.26 -20.72
C ASP A 241 -16.55 -9.37 -21.71
N TYR A 242 -15.33 -9.07 -21.28
CA TYR A 242 -14.17 -9.19 -22.15
C TYR A 242 -13.85 -10.65 -22.44
N ARG A 243 -13.25 -10.91 -23.60
CA ARG A 243 -12.87 -12.25 -24.00
C ARG A 243 -11.41 -12.21 -24.37
N PHE A 244 -10.74 -13.34 -24.28
CA PHE A 244 -9.33 -13.44 -24.61
C PHE A 244 -9.08 -12.84 -26.00
N GLU A 245 -9.93 -13.17 -26.97
CA GLU A 245 -9.75 -12.69 -28.32
C GLU A 245 -9.99 -11.21 -28.56
N ASP A 246 -10.46 -10.47 -27.56
CA ASP A 246 -10.66 -9.04 -27.75
C ASP A 246 -9.32 -8.31 -27.70
N PHE A 247 -8.30 -8.99 -27.19
CA PHE A 247 -6.99 -8.37 -27.04
C PHE A 247 -5.96 -8.75 -28.09
N GLU A 248 -5.22 -7.76 -28.54
CA GLU A 248 -4.17 -7.96 -29.54
C GLU A 248 -2.89 -7.25 -29.10
N ILE A 249 -1.81 -8.00 -29.00
CA ILE A 249 -0.52 -7.43 -28.63
C ILE A 249 0.32 -7.35 -29.90
N GLU A 250 0.77 -6.14 -30.24
CA GLU A 250 1.54 -5.92 -31.45
C GLU A 250 2.97 -5.50 -31.16
N GLY A 251 3.90 -5.95 -32.01
CA GLY A 251 5.30 -5.61 -31.86
C GLY A 251 6.03 -6.22 -30.68
N TYR A 252 5.63 -7.41 -30.25
CA TYR A 252 6.30 -8.06 -29.13
C TYR A 252 7.39 -8.98 -29.68
N ASP A 253 8.63 -8.51 -29.63
CA ASP A 253 9.79 -9.23 -30.13
C ASP A 253 10.78 -9.37 -28.98
N PRO A 254 10.50 -10.29 -28.04
CA PRO A 254 11.35 -10.52 -26.87
C PRO A 254 12.58 -11.39 -27.06
N HIS A 255 13.44 -11.37 -26.05
CA HIS A 255 14.63 -12.19 -26.05
C HIS A 255 14.09 -13.58 -25.70
N PRO A 256 14.92 -14.63 -25.84
CA PRO A 256 14.43 -15.97 -25.52
C PRO A 256 14.00 -16.11 -24.06
N GLY A 257 13.09 -17.04 -23.81
CA GLY A 257 12.63 -17.28 -22.45
C GLY A 257 13.74 -17.82 -21.56
N ILE A 258 13.56 -17.67 -20.25
CA ILE A 258 14.53 -18.16 -19.28
C ILE A 258 13.76 -18.91 -18.23
N LYS A 259 13.96 -20.23 -18.17
CA LYS A 259 13.24 -21.05 -17.20
C LYS A 259 13.83 -20.99 -15.80
N ALA A 260 12.95 -21.03 -14.80
CA ALA A 260 13.35 -20.99 -13.41
C ALA A 260 12.28 -21.68 -12.56
N PRO A 261 12.70 -22.32 -11.46
CA PRO A 261 11.81 -23.03 -10.54
C PRO A 261 10.98 -22.16 -9.61
N VAL A 262 9.77 -22.62 -9.32
CA VAL A 262 8.86 -21.90 -8.43
C VAL A 262 9.09 -22.40 -7.00
N ALA A 263 9.22 -21.48 -6.06
CA ALA A 263 9.41 -21.85 -4.67
C ALA A 263 8.00 -22.02 -4.10
N ILE A 264 7.59 -23.26 -3.87
CA ILE A 264 6.25 -23.54 -3.37
C ILE A 264 6.12 -23.25 -1.87
N CXM B 1 11.45 18.29 6.90
CA CXM B 1 12.74 17.61 6.78
CB CXM B 1 12.56 16.15 7.17
CG CXM B 1 12.15 15.95 8.63
SD CXM B 1 11.62 14.29 9.08
CE CXM B 1 9.83 14.57 9.04
C CXM B 1 13.12 17.75 5.31
O CXM B 1 12.25 18.12 4.51
CN CXM B 1 11.95 20.21 9.24
ON1 CXM B 1 10.78 20.14 8.85
ON2 CXM B 1 12.42 19.24 9.87
N LYS B 2 14.37 17.48 4.92
CA LYS B 2 14.65 17.67 3.50
C LYS B 2 13.69 16.92 2.60
N GLN B 3 13.37 15.68 2.97
CA GLN B 3 12.47 14.88 2.16
C GLN B 3 11.06 15.48 2.14
N TYR B 4 10.58 15.92 3.30
CA TYR B 4 9.25 16.50 3.44
C TYR B 4 9.11 17.82 2.68
N LEU B 5 10.09 18.70 2.80
CA LEU B 5 10.08 19.98 2.10
C LEU B 5 10.13 19.72 0.60
N GLU B 6 10.88 18.72 0.19
CA GLU B 6 11.00 18.39 -1.22
C GLU B 6 9.67 17.92 -1.80
N LEU B 7 8.89 17.19 -1.02
CA LEU B 7 7.58 16.71 -1.46
C LEU B 7 6.62 17.88 -1.62
N MET B 8 6.67 18.83 -0.69
CA MET B 8 5.80 20.00 -0.73
C MET B 8 5.99 20.78 -2.02
N GLN B 9 7.26 20.99 -2.37
CA GLN B 9 7.62 21.73 -3.57
C GLN B 9 7.16 20.98 -4.82
N LYS B 10 7.15 19.66 -4.76
CA LYS B 10 6.73 18.86 -5.90
C LYS B 10 5.24 19.02 -6.15
N VAL B 11 4.46 19.07 -5.08
CA VAL B 11 3.03 19.23 -5.22
C VAL B 11 2.73 20.57 -5.86
N LEU B 12 3.42 21.61 -5.40
CA LEU B 12 3.25 22.95 -5.93
C LEU B 12 3.65 23.06 -7.40
N ASP B 13 4.67 22.30 -7.79
CA ASP B 13 5.19 22.32 -9.16
C ASP B 13 4.50 21.42 -10.16
N GLU B 14 4.07 20.25 -9.71
CA GLU B 14 3.44 19.29 -10.61
C GLU B 14 1.98 18.99 -10.29
N GLY B 15 1.51 19.46 -9.15
CA GLY B 15 0.12 19.21 -8.76
C GLY B 15 -0.92 19.55 -9.79
N THR B 16 -2.01 18.78 -9.80
CA THR B 16 -3.12 19.03 -10.70
C THR B 16 -4.22 19.61 -9.83
N GLN B 17 -4.96 20.56 -10.39
CA GLN B 17 -6.05 21.23 -9.66
C GLN B 17 -7.25 20.30 -9.58
N LYS B 18 -7.70 20.00 -8.37
CA LYS B 18 -8.85 19.12 -8.20
C LYS B 18 -9.88 19.71 -7.23
N ASN B 19 -11.15 19.42 -7.50
CA ASN B 19 -12.25 19.88 -6.65
C ASN B 19 -12.55 18.73 -5.72
N ASP B 20 -12.55 18.98 -4.41
CA ASP B 20 -12.81 17.90 -3.45
C ASP B 20 -14.15 17.99 -2.76
N ARG B 21 -14.50 16.94 -2.02
CA ARG B 21 -15.77 16.86 -1.33
C ARG B 21 -16.06 18.04 -0.41
N THR B 22 -15.03 18.75 0.02
CA THR B 22 -15.23 19.88 0.91
C THR B 22 -15.51 21.17 0.13
N GLY B 23 -15.16 21.17 -1.15
CA GLY B 23 -15.39 22.35 -1.98
C GLY B 23 -14.26 23.36 -1.93
N THR B 24 -13.21 23.06 -1.18
CA THR B 24 -12.07 23.96 -1.03
C THR B 24 -11.12 23.98 -2.23
N GLY B 25 -10.85 22.81 -2.80
CA GLY B 25 -9.93 22.75 -3.92
C GLY B 25 -8.59 22.20 -3.44
N THR B 26 -7.90 21.51 -4.32
CA THR B 26 -6.64 20.92 -3.93
C THR B 26 -5.64 20.86 -5.09
N LEU B 27 -4.37 20.84 -4.76
CA LEU B 27 -3.31 20.65 -5.71
C LEU B 27 -2.90 19.21 -5.47
N SER B 28 -2.88 18.37 -6.51
CA SER B 28 -2.61 16.96 -6.24
C SER B 28 -1.68 16.22 -7.20
N ILE B 29 -0.96 15.25 -6.65
CA ILE B 29 -0.10 14.36 -7.42
C ILE B 29 -0.46 12.96 -6.95
N PHE B 30 -0.13 11.96 -7.74
CA PHE B 30 -0.44 10.59 -7.37
C PHE B 30 0.80 9.71 -7.31
N GLY B 31 1.06 9.12 -6.16
CA GLY B 31 2.21 8.24 -6.02
C GLY B 31 3.54 8.88 -5.69
N HIS B 32 4.00 8.68 -4.46
CA HIS B 32 5.28 9.22 -4.02
C HIS B 32 5.83 8.35 -2.89
N GLN B 33 7.14 8.38 -2.69
CA GLN B 33 7.74 7.56 -1.64
C GLN B 33 8.94 8.23 -0.97
N MET B 34 8.97 8.20 0.36
CA MET B 34 10.06 8.79 1.13
C MET B 34 10.58 7.75 2.14
N ARG B 35 11.86 7.81 2.45
CA ARG B 35 12.46 6.87 3.38
C ARG B 35 13.16 7.61 4.51
N PHE B 36 12.86 7.20 5.72
CA PHE B 36 13.45 7.81 6.90
C PHE B 36 14.23 6.78 7.69
N ASN B 37 15.54 6.93 7.74
CA ASN B 37 16.39 6.02 8.49
C ASN B 37 16.26 6.47 9.94
N LEU B 38 15.55 5.69 10.73
CA LEU B 38 15.33 6.03 12.13
C LEU B 38 16.60 6.10 12.98
N GLN B 39 17.71 5.57 12.48
CA GLN B 39 18.96 5.62 13.24
C GLN B 39 19.44 7.07 13.28
N ASP B 40 19.15 7.81 12.21
CA ASP B 40 19.56 9.20 12.09
C ASP B 40 18.78 10.15 12.98
N GLY B 41 17.78 9.65 13.68
CA GLY B 41 16.98 10.49 14.57
C GLY B 41 15.48 10.43 14.29
N PHE B 42 14.68 10.85 15.27
CA PHE B 42 13.23 10.84 15.14
C PHE B 42 12.77 11.84 14.08
N PRO B 43 11.94 11.38 13.12
CA PRO B 43 11.43 12.22 12.03
C PRO B 43 10.29 13.16 12.38
N LEU B 44 10.53 14.05 13.33
CA LEU B 44 9.52 15.03 13.73
C LEU B 44 9.93 16.28 12.95
N VAL B 45 9.03 16.85 12.16
CA VAL B 45 9.41 18.02 11.37
C VAL B 45 9.87 19.21 12.22
N THR B 46 10.86 19.93 11.71
CA THR B 46 11.41 21.08 12.41
C THR B 46 11.15 22.43 11.76
N THR B 47 10.68 22.46 10.52
CA THR B 47 10.41 23.74 9.87
C THR B 47 9.12 24.37 10.40
N LYS B 48 8.53 23.71 11.38
CA LYS B 48 7.32 24.19 12.03
C LYS B 48 7.18 23.39 13.30
N ARG B 49 6.78 24.02 14.39
CA ARG B 49 6.64 23.29 15.64
C ARG B 49 5.46 22.29 15.59
N CYS B 50 5.73 21.04 15.96
CA CYS B 50 4.69 20.02 16.00
C CYS B 50 4.38 19.69 17.43
N HIS B 51 3.13 19.34 17.70
CA HIS B 51 2.75 19.01 19.05
C HIS B 51 2.74 17.50 19.23
N LEU B 52 3.77 17.02 19.90
CA LEU B 52 3.95 15.60 20.17
C LEU B 52 2.89 15.04 21.09
N ARG B 53 2.25 15.90 21.87
CA ARG B 53 1.23 15.48 22.82
C ARG B 53 0.03 14.79 22.17
N SER B 54 -0.54 15.43 21.15
CA SER B 54 -1.69 14.88 20.45
C SER B 54 -1.30 13.65 19.64
N ILE B 55 -0.07 13.65 19.15
CA ILE B 55 0.46 12.55 18.35
C ILE B 55 0.61 11.28 19.18
N ILE B 56 1.12 11.42 20.40
CA ILE B 56 1.32 10.29 21.28
C ILE B 56 0.03 9.72 21.86
N HIS B 57 -0.89 10.60 22.29
CA HIS B 57 -2.15 10.09 22.84
C HIS B 57 -3.01 9.41 21.78
N GLU B 58 -2.97 9.91 20.56
CA GLU B 58 -3.76 9.29 19.49
C GLU B 58 -3.26 7.85 19.32
N LEU B 59 -1.95 7.69 19.16
CA LEU B 59 -1.37 6.36 19.00
C LEU B 59 -1.72 5.42 20.16
N LEU B 60 -1.63 5.92 21.40
CA LEU B 60 -1.96 5.11 22.57
C LEU B 60 -3.45 4.78 22.56
N TRP B 61 -4.23 5.71 22.04
CA TRP B 61 -5.67 5.57 21.95
C TRP B 61 -5.97 4.40 20.98
N PHE B 62 -5.27 4.37 19.85
CA PHE B 62 -5.43 3.33 18.84
C PHE B 62 -5.13 1.96 19.44
N LEU B 63 -3.97 1.87 20.09
CA LEU B 63 -3.52 0.60 20.67
C LEU B 63 -4.48 0.00 21.69
N GLN B 64 -5.31 0.84 22.29
CA GLN B 64 -6.30 0.37 23.26
C GLN B 64 -7.55 -0.17 22.56
N GLY B 65 -7.66 0.09 21.26
CA GLY B 65 -8.81 -0.37 20.50
C GLY B 65 -10.03 0.50 20.76
N ASP B 66 -9.78 1.74 21.16
CA ASP B 66 -10.82 2.71 21.50
C ASP B 66 -11.21 3.59 20.30
N THR B 67 -12.50 3.76 20.08
CA THR B 67 -12.98 4.60 18.98
C THR B 67 -13.81 5.78 19.48
N ASN B 68 -13.83 5.98 20.79
CA ASN B 68 -14.58 7.09 21.37
C ASN B 68 -13.57 8.13 21.82
N ILE B 69 -13.74 9.37 21.37
CA ILE B 69 -12.80 10.44 21.70
C ILE B 69 -12.77 10.88 23.16
N ALA B 70 -13.51 10.19 24.03
CA ALA B 70 -13.54 10.55 25.45
C ALA B 70 -12.12 10.59 26.03
N TYR B 71 -11.36 9.53 25.83
CA TYR B 71 -10.00 9.47 26.35
C TYR B 71 -9.13 10.61 25.84
N LEU B 72 -9.35 11.03 24.59
CA LEU B 72 -8.56 12.11 24.02
C LEU B 72 -8.88 13.45 24.67
N HIS B 73 -10.13 13.60 25.12
CA HIS B 73 -10.52 14.83 25.78
C HIS B 73 -9.89 14.87 27.16
N GLU B 74 -9.88 13.74 27.85
CA GLU B 74 -9.26 13.66 29.17
C GLU B 74 -7.84 14.17 29.10
N ASN B 75 -7.23 14.09 27.91
CA ASN B 75 -5.86 14.54 27.74
C ASN B 75 -5.75 15.79 26.90
N ASN B 76 -6.86 16.49 26.73
CA ASN B 76 -6.89 17.74 25.97
C ASN B 76 -6.52 17.70 24.50
N VAL B 77 -6.72 16.57 23.85
CA VAL B 77 -6.41 16.50 22.43
C VAL B 77 -7.78 16.50 21.72
N THR B 78 -7.97 17.51 20.86
CA THR B 78 -9.22 17.72 20.13
C THR B 78 -9.16 17.47 18.63
N ILE B 79 -8.09 16.85 18.15
CA ILE B 79 -7.94 16.61 16.71
C ILE B 79 -9.07 15.81 16.04
N TRP B 80 -9.83 15.05 16.82
CA TRP B 80 -10.92 14.22 16.28
C TRP B 80 -12.34 14.71 16.59
N ASP B 81 -12.43 15.85 17.26
CA ASP B 81 -13.71 16.42 17.65
C ASP B 81 -14.80 16.54 16.59
N GLU B 82 -14.48 17.16 15.46
CA GLU B 82 -15.47 17.41 14.40
C GLU B 82 -15.95 16.21 13.56
N TRP B 83 -15.59 14.98 13.91
CA TRP B 83 -16.07 13.81 13.17
C TRP B 83 -16.79 12.84 14.10
N ALA B 84 -16.71 13.11 15.40
CA ALA B 84 -17.36 12.27 16.38
C ALA B 84 -18.84 12.59 16.44
N ASP B 85 -19.66 11.61 16.79
CA ASP B 85 -21.10 11.86 16.86
C ASP B 85 -21.42 12.57 18.17
N GLU B 86 -22.70 12.76 18.45
CA GLU B 86 -23.12 13.44 19.67
C GLU B 86 -22.60 12.77 20.94
N ASN B 87 -22.28 11.48 20.85
CA ASN B 87 -21.77 10.75 22.00
C ASN B 87 -20.25 10.62 21.99
N GLY B 88 -19.63 11.10 20.93
CA GLY B 88 -18.18 11.02 20.83
C GLY B 88 -17.67 9.77 20.14
N ASP B 89 -18.52 9.12 19.36
CA ASP B 89 -18.15 7.90 18.64
C ASP B 89 -17.78 8.20 17.20
N LEU B 90 -16.79 7.48 16.70
CA LEU B 90 -16.34 7.66 15.32
C LEU B 90 -16.69 6.44 14.47
N GLY B 91 -17.15 5.38 15.13
CA GLY B 91 -17.49 4.17 14.42
C GLY B 91 -16.33 3.20 14.53
N PRO B 92 -16.29 2.13 13.72
CA PRO B 92 -15.18 1.19 13.83
C PRO B 92 -13.95 1.63 13.05
N VAL B 93 -13.35 2.74 13.47
CA VAL B 93 -12.14 3.22 12.78
C VAL B 93 -10.87 2.54 13.33
N TYR B 94 -9.71 3.09 13.00
CA TYR B 94 -8.42 2.56 13.41
C TYR B 94 -8.37 1.61 14.60
N GLY B 95 -8.57 2.16 15.79
CA GLY B 95 -8.51 1.36 17.00
C GLY B 95 -9.27 0.05 16.97
N LYS B 96 -10.50 0.10 16.48
CA LYS B 96 -11.35 -1.09 16.40
C LYS B 96 -10.76 -2.15 15.47
N GLN B 97 -10.37 -1.76 14.26
CA GLN B 97 -9.81 -2.68 13.27
C GLN B 97 -8.46 -3.27 13.67
N TRP B 98 -7.64 -2.48 14.36
CA TRP B 98 -6.33 -2.93 14.80
C TRP B 98 -6.44 -3.99 15.89
N ARG B 99 -7.34 -3.75 16.85
CA ARG B 99 -7.49 -4.66 17.99
C ARG B 99 -8.54 -5.76 17.90
N ALA B 100 -9.57 -5.56 17.10
CA ALA B 100 -10.62 -6.57 17.00
C ALA B 100 -11.34 -6.54 15.66
N TRP B 101 -10.63 -6.94 14.61
CA TRP B 101 -11.20 -7.00 13.26
C TRP B 101 -12.26 -8.09 13.30
N PRO B 102 -13.53 -7.73 13.04
CA PRO B 102 -14.64 -8.70 13.06
C PRO B 102 -14.73 -9.62 11.84
N THR B 103 -14.81 -10.92 12.10
CA THR B 103 -14.94 -11.89 11.03
C THR B 103 -16.43 -12.07 10.77
N PRO B 104 -16.79 -12.53 9.56
CA PRO B 104 -18.20 -12.73 9.21
C PRO B 104 -18.93 -13.74 10.10
N ASP B 105 -18.16 -14.57 10.81
CA ASP B 105 -18.77 -15.58 11.68
C ASP B 105 -18.81 -15.20 13.15
N GLY B 106 -18.60 -13.92 13.45
CA GLY B 106 -18.67 -13.46 14.83
C GLY B 106 -17.40 -13.33 15.65
N ARG B 107 -16.33 -14.02 15.25
CA ARG B 107 -15.07 -13.95 15.98
C ARG B 107 -14.36 -12.61 15.82
N HIS B 108 -13.20 -12.48 16.44
CA HIS B 108 -12.41 -11.25 16.36
C HIS B 108 -10.93 -11.52 16.21
N ILE B 109 -10.27 -10.71 15.40
CA ILE B 109 -8.83 -10.85 15.18
C ILE B 109 -8.10 -9.61 15.66
N ASP B 110 -7.12 -9.84 16.53
CA ASP B 110 -6.29 -8.78 17.09
C ASP B 110 -5.00 -8.70 16.27
N GLN B 111 -4.98 -7.82 15.26
CA GLN B 111 -3.80 -7.69 14.41
C GLN B 111 -2.53 -7.25 15.13
N ILE B 112 -2.68 -6.43 16.17
CA ILE B 112 -1.50 -5.97 16.89
C ILE B 112 -0.86 -7.13 17.62
N THR B 113 -1.70 -7.95 18.28
CA THR B 113 -1.17 -9.11 18.98
C THR B 113 -0.53 -10.10 18.01
N THR B 114 -1.17 -10.34 16.86
CA THR B 114 -0.59 -11.29 15.93
C THR B 114 0.71 -10.75 15.35
N VAL B 115 0.78 -9.44 15.15
CA VAL B 115 2.00 -8.83 14.62
C VAL B 115 3.14 -9.01 15.62
N LEU B 116 2.83 -8.79 16.90
CA LEU B 116 3.81 -8.93 17.97
C LEU B 116 4.36 -10.36 17.99
N ASN B 117 3.46 -11.32 17.85
CA ASN B 117 3.85 -12.72 17.87
C ASN B 117 4.63 -13.10 16.60
N GLN B 118 4.33 -12.46 15.48
CA GLN B 118 5.06 -12.77 14.25
C GLN B 118 6.48 -12.23 14.34
N LEU B 119 6.63 -11.04 14.91
CA LEU B 119 7.95 -10.45 15.03
C LEU B 119 8.85 -11.29 15.93
N LYS B 120 8.26 -11.89 16.95
CA LYS B 120 9.00 -12.72 17.89
C LYS B 120 9.25 -14.15 17.41
N ASN B 121 8.24 -14.80 16.83
CA ASN B 121 8.40 -16.18 16.39
C ASN B 121 8.69 -16.43 14.92
N ASP B 122 8.37 -15.47 14.06
CA ASP B 122 8.58 -15.64 12.63
C ASP B 122 8.94 -14.30 12.00
N PRO B 123 10.08 -13.71 12.40
CA PRO B 123 10.54 -12.43 11.89
C PRO B 123 10.78 -12.33 10.40
N ASP B 124 11.10 -13.45 9.76
CA ASP B 124 11.34 -13.45 8.32
C ASP B 124 10.06 -13.35 7.50
N SER B 125 8.92 -13.45 8.17
CA SER B 125 7.64 -13.41 7.48
C SER B 125 7.51 -12.21 6.54
N ARG B 126 6.82 -12.44 5.43
CA ARG B 126 6.61 -11.39 4.44
C ARG B 126 5.18 -10.88 4.51
N ARG B 127 4.44 -11.34 5.51
CA ARG B 127 3.06 -10.90 5.67
C ARG B 127 2.76 -10.35 7.06
N ILE B 128 3.70 -9.60 7.62
CA ILE B 128 3.50 -8.99 8.92
C ILE B 128 2.79 -7.68 8.61
N ILE B 129 1.47 -7.77 8.53
CA ILE B 129 0.64 -6.64 8.12
C ILE B 129 -0.51 -6.25 9.03
N VAL B 130 -0.80 -4.94 9.05
CA VAL B 130 -1.91 -4.41 9.82
C VAL B 130 -2.74 -3.59 8.83
N SER B 131 -4.03 -3.91 8.71
CA SER B 131 -4.88 -3.19 7.79
C SER B 131 -6.08 -2.60 8.49
N ALA B 132 -6.39 -1.34 8.20
CA ALA B 132 -7.55 -0.70 8.78
C ALA B 132 -8.63 -0.56 7.69
N TRP B 133 -8.33 -1.08 6.51
CA TRP B 133 -9.25 -1.02 5.39
C TRP B 133 -10.19 -2.22 5.37
N ASN B 134 -11.19 -2.16 6.24
CA ASN B 134 -12.18 -3.21 6.37
C ASN B 134 -13.38 -2.81 5.52
N VAL B 135 -13.34 -3.22 4.25
CA VAL B 135 -14.37 -2.94 3.26
C VAL B 135 -15.81 -3.02 3.75
N GLY B 136 -16.13 -4.07 4.49
CA GLY B 136 -17.49 -4.25 4.98
C GLY B 136 -17.93 -3.42 6.15
N GLU B 137 -17.06 -2.53 6.62
CA GLU B 137 -17.40 -1.66 7.74
C GLU B 137 -17.16 -0.18 7.46
N LEU B 138 -16.67 0.12 6.27
CA LEU B 138 -16.39 1.51 5.89
C LEU B 138 -17.62 2.40 6.03
N ASP B 139 -18.78 1.88 5.63
CA ASP B 139 -20.00 2.68 5.72
C ASP B 139 -20.33 3.05 7.16
N LYS B 140 -19.79 2.32 8.12
CA LYS B 140 -20.03 2.60 9.53
C LYS B 140 -19.04 3.60 10.13
N MET B 141 -17.94 3.82 9.44
CA MET B 141 -16.94 4.76 9.93
C MET B 141 -17.37 6.20 9.67
N ALA B 142 -17.09 7.08 10.63
CA ALA B 142 -17.45 8.48 10.46
C ALA B 142 -16.52 9.10 9.43
N LEU B 143 -15.59 8.30 8.93
CA LEU B 143 -14.60 8.77 7.98
C LEU B 143 -13.76 7.58 7.51
N ALA B 144 -13.39 7.57 6.24
CA ALA B 144 -12.59 6.48 5.69
C ALA B 144 -11.11 6.68 6.06
N PRO B 145 -10.50 5.67 6.68
CA PRO B 145 -9.09 5.73 7.09
C PRO B 145 -8.16 6.28 5.99
N CYS B 146 -7.40 7.33 6.29
CA CYS B 146 -6.50 7.88 5.27
C CYS B 146 -5.14 7.14 5.29
N HIS B 147 -4.81 6.49 6.41
CA HIS B 147 -3.60 5.67 6.50
C HIS B 147 -4.09 4.32 6.96
N ALA B 148 -4.47 3.49 5.99
CA ALA B 148 -5.12 2.21 6.28
C ALA B 148 -4.34 0.91 6.01
N PHE B 149 -3.08 0.95 5.67
CA PHE B 149 -2.38 -0.29 5.36
C PHE B 149 -0.88 -0.15 5.63
N PHE B 150 -0.35 -0.96 6.54
CA PHE B 150 1.08 -0.91 6.81
C PHE B 150 1.71 -2.27 7.04
N GLN B 151 3.01 -2.35 6.78
CA GLN B 151 3.74 -3.60 6.88
C GLN B 151 5.06 -3.49 7.63
N PHE B 152 5.37 -4.51 8.43
CA PHE B 152 6.61 -4.57 9.18
C PHE B 152 7.56 -5.52 8.45
N TYR B 153 8.86 -5.31 8.64
CA TYR B 153 9.88 -6.10 7.97
C TYR B 153 11.12 -6.17 8.85
N VAL B 154 11.72 -7.34 8.96
CA VAL B 154 12.93 -7.50 9.77
C VAL B 154 14.09 -8.04 8.94
N ALA B 155 15.25 -7.43 9.13
CA ALA B 155 16.46 -7.83 8.42
C ALA B 155 17.64 -7.37 9.28
N ASP B 156 18.57 -8.28 9.58
CA ASP B 156 19.74 -7.96 10.39
C ASP B 156 19.42 -7.28 11.72
N GLY B 157 18.50 -7.86 12.48
CA GLY B 157 18.14 -7.29 13.76
C GLY B 157 17.42 -5.94 13.75
N LYS B 158 17.24 -5.35 12.58
CA LYS B 158 16.55 -4.07 12.45
C LYS B 158 15.07 -4.24 12.13
N LEU B 159 14.23 -3.35 12.66
CA LEU B 159 12.80 -3.40 12.38
C LEU B 159 12.36 -2.22 11.54
N SER B 160 11.85 -2.51 10.35
CA SER B 160 11.39 -1.46 9.44
C SER B 160 9.87 -1.52 9.27
N CYS B 161 9.30 -0.43 8.78
CA CYS B 161 7.87 -0.36 8.57
C CYS B 161 7.52 0.52 7.38
N GLN B 162 6.62 0.04 6.53
CA GLN B 162 6.19 0.82 5.38
C GLN B 162 4.71 1.09 5.52
N LEU B 163 4.33 2.33 5.27
CA LEU B 163 2.93 2.74 5.36
C LEU B 163 2.47 3.29 4.01
N TYR B 164 1.38 2.72 3.50
CA TYR B 164 0.79 3.22 2.24
C TYR B 164 -0.38 4.12 2.70
N GLN B 165 -0.29 5.40 2.38
CA GLN B 165 -1.33 6.37 2.75
C GLN B 165 -2.03 6.81 1.46
N GLN B 166 -3.20 6.21 1.24
CA GLN B 166 -4.03 6.42 0.06
C GLN B 166 -4.44 7.88 -0.17
N SER B 167 -4.77 8.57 0.92
CA SER B 167 -5.15 9.97 0.85
C SER B 167 -4.28 10.73 1.84
N CYS B 168 -3.70 11.84 1.40
CA CYS B 168 -2.80 12.57 2.28
C CYS B 168 -2.76 14.09 2.19
N ASP B 169 -3.16 14.68 3.29
CA ASP B 169 -3.11 16.10 3.43
C ASP B 169 -1.67 16.41 3.72
N VAL B 170 -0.93 16.96 2.75
CA VAL B 170 0.49 17.21 2.95
C VAL B 170 0.87 18.13 4.11
N PHE B 171 0.21 19.27 4.24
CA PHE B 171 0.56 20.23 5.30
C PHE B 171 0.15 19.88 6.73
N LEU B 172 -1.09 19.47 6.93
CA LEU B 172 -1.57 19.15 8.26
C LEU B 172 -1.35 17.72 8.72
N GLY B 173 -1.81 16.77 7.92
CA GLY B 173 -1.70 15.37 8.28
C GLY B 173 -0.38 14.64 8.17
N LEU B 174 0.36 14.85 7.08
CA LEU B 174 1.62 14.15 6.88
C LEU B 174 2.62 14.22 8.03
N PRO B 175 2.94 15.42 8.53
CA PRO B 175 3.90 15.49 9.63
C PRO B 175 3.44 14.63 10.81
N PHE B 176 2.13 14.64 11.05
CA PHE B 176 1.50 13.89 12.12
C PHE B 176 1.73 12.40 11.98
N ASN B 177 1.39 11.88 10.80
CA ASN B 177 1.54 10.45 10.50
C ASN B 177 2.97 9.94 10.48
N ILE B 178 3.92 10.73 9.98
CA ILE B 178 5.31 10.27 9.96
C ILE B 178 5.75 10.03 11.39
N ALA B 179 5.56 11.03 12.25
CA ALA B 179 5.95 10.92 13.66
C ALA B 179 5.22 9.78 14.37
N SER B 180 3.92 9.65 14.09
CA SER B 180 3.10 8.61 14.71
C SER B 180 3.61 7.19 14.47
N TYR B 181 3.93 6.89 13.21
CA TYR B 181 4.40 5.56 12.85
C TYR B 181 5.84 5.30 13.27
N ALA B 182 6.66 6.35 13.27
CA ALA B 182 8.05 6.21 13.69
C ALA B 182 7.99 5.85 15.17
N LEU B 183 6.98 6.37 15.85
CA LEU B 183 6.78 6.11 17.27
C LEU B 183 6.44 4.64 17.47
N LEU B 184 5.45 4.16 16.74
CA LEU B 184 5.02 2.77 16.82
C LEU B 184 6.18 1.81 16.56
N VAL B 185 7.04 2.18 15.62
CA VAL B 185 8.18 1.34 15.28
C VAL B 185 9.12 1.23 16.47
N HIS B 186 9.39 2.35 17.16
CA HIS B 186 10.26 2.33 18.32
C HIS B 186 9.63 1.47 19.41
N MET B 187 8.32 1.63 19.62
CA MET B 187 7.63 0.84 20.63
C MET B 187 7.77 -0.64 20.33
N MET B 188 7.42 -1.02 19.09
CA MET B 188 7.50 -2.40 18.64
C MET B 188 8.91 -2.98 18.79
N ALA B 189 9.90 -2.25 18.30
CA ALA B 189 11.28 -2.70 18.38
C ALA B 189 11.68 -3.00 19.84
N GLN B 190 11.26 -2.14 20.75
CA GLN B 190 11.58 -2.32 22.16
C GLN B 190 10.95 -3.58 22.75
N GLN B 191 9.68 -3.82 22.44
CA GLN B 191 9.01 -5.01 22.96
C GLN B 191 9.53 -6.30 22.34
N CYS B 192 10.15 -6.21 21.17
CA CYS B 192 10.68 -7.38 20.48
C CYS B 192 12.20 -7.42 20.40
N ASP B 193 12.86 -6.70 21.30
CA ASP B 193 14.32 -6.67 21.33
C ASP B 193 14.96 -6.59 19.96
N LEU B 194 14.63 -5.56 19.21
CA LEU B 194 15.19 -5.33 17.87
C LEU B 194 15.67 -3.90 17.75
N GLU B 195 16.49 -3.62 16.75
CA GLU B 195 17.00 -2.27 16.49
C GLU B 195 15.97 -1.58 15.58
N VAL B 196 15.94 -0.25 15.56
CA VAL B 196 15.01 0.43 14.66
C VAL B 196 15.65 0.53 13.29
N GLY B 197 14.85 0.33 12.24
CA GLY B 197 15.37 0.40 10.89
C GLY B 197 14.87 1.60 10.12
N ASP B 198 14.21 1.37 9.00
CA ASP B 198 13.69 2.47 8.18
C ASP B 198 12.18 2.62 8.28
N PHE B 199 11.71 3.84 8.08
CA PHE B 199 10.29 4.09 8.02
C PHE B 199 10.06 4.57 6.60
N VAL B 200 9.42 3.72 5.80
CA VAL B 200 9.14 4.06 4.42
C VAL B 200 7.73 4.60 4.30
N TRP B 201 7.57 5.76 3.68
CA TRP B 201 6.25 6.37 3.52
C TRP B 201 5.89 6.36 2.04
N THR B 202 4.72 5.82 1.73
CA THR B 202 4.28 5.75 0.35
C THR B 202 2.95 6.46 0.19
N GLY B 203 2.86 7.41 -0.72
CA GLY B 203 1.60 8.11 -0.84
C GLY B 203 0.84 7.80 -2.14
N GLY B 204 -0.46 7.91 -2.05
CA GLY B 204 -1.33 7.78 -3.16
C GLY B 204 -1.70 9.18 -3.58
N ASP B 205 -2.97 9.55 -3.43
CA ASP B 205 -3.41 10.90 -3.70
C ASP B 205 -2.79 11.79 -2.60
N THR B 206 -1.70 12.45 -2.96
CA THR B 206 -0.96 13.33 -2.05
C THR B 206 -1.26 14.76 -2.46
N HIS B 207 -1.99 15.47 -1.60
CA HIS B 207 -2.43 16.82 -1.93
C HIS B 207 -2.12 17.92 -0.92
N LEU B 208 -2.31 19.15 -1.40
CA LEU B 208 -2.09 20.36 -0.62
C LEU B 208 -3.39 21.15 -0.84
N TYR B 209 -4.09 21.48 0.24
CA TYR B 209 -5.34 22.24 0.13
C TYR B 209 -5.13 23.70 -0.29
N SER B 210 -6.10 24.22 -1.04
CA SER B 210 -6.08 25.60 -1.52
C SER B 210 -5.81 26.67 -0.48
N ASN B 211 -6.40 26.52 0.71
CA ASN B 211 -6.22 27.53 1.76
C ASN B 211 -4.97 27.30 2.60
N HIS B 212 -4.02 26.57 2.04
CA HIS B 212 -2.75 26.29 2.71
C HIS B 212 -1.54 26.81 1.93
N MET B 213 -1.78 27.45 0.79
CA MET B 213 -0.70 27.99 -0.03
C MET B 213 0.26 28.88 0.73
N ASP B 214 -0.29 29.89 1.40
CA ASP B 214 0.50 30.82 2.17
C ASP B 214 1.37 30.14 3.22
N GLN B 215 0.76 29.28 4.02
CA GLN B 215 1.49 28.60 5.06
C GLN B 215 2.60 27.73 4.47
N THR B 216 2.32 27.12 3.32
CA THR B 216 3.28 26.26 2.63
C THR B 216 4.48 27.07 2.15
N HIS B 217 4.21 28.23 1.57
CA HIS B 217 5.29 29.09 1.09
C HIS B 217 6.14 29.55 2.27
N LEU B 218 5.49 29.88 3.38
CA LEU B 218 6.21 30.31 4.57
C LEU B 218 7.11 29.19 5.06
N GLN B 219 6.57 27.98 5.16
CA GLN B 219 7.34 26.85 5.64
C GLN B 219 8.47 26.46 4.71
N LEU B 220 8.26 26.62 3.42
CA LEU B 220 9.26 26.26 2.42
C LEU B 220 10.51 27.13 2.46
N SER B 221 10.39 28.36 2.95
CA SER B 221 11.53 29.26 3.02
C SER B 221 12.36 29.13 4.30
N ARG B 222 12.08 28.11 5.09
CA ARG B 222 12.81 27.87 6.33
C ARG B 222 13.78 26.73 6.15
N GLU B 223 14.89 26.76 6.89
CA GLU B 223 15.89 25.71 6.79
C GLU B 223 15.67 24.64 7.84
N PRO B 224 15.61 23.37 7.42
CA PRO B 224 15.40 22.25 8.35
C PRO B 224 16.53 22.16 9.38
N ARG B 225 16.20 21.68 10.57
CA ARG B 225 17.17 21.55 11.63
C ARG B 225 17.40 20.10 12.01
N PRO B 226 18.57 19.80 12.58
CA PRO B 226 18.89 18.43 12.99
C PRO B 226 17.69 17.77 13.71
N LEU B 227 17.42 16.50 13.40
CA LEU B 227 16.31 15.79 14.01
C LEU B 227 16.50 15.51 15.48
N PRO B 228 15.41 15.51 16.26
CA PRO B 228 15.50 15.25 17.69
C PRO B 228 15.87 13.77 17.96
N LYS B 229 15.70 13.35 19.21
CA LYS B 229 16.02 11.98 19.58
C LYS B 229 14.96 11.45 20.52
N LEU B 230 14.37 10.33 20.15
CA LEU B 230 13.33 9.72 20.95
C LEU B 230 13.95 8.90 22.07
N ILE B 231 13.43 9.08 23.28
CA ILE B 231 13.91 8.37 24.43
C ILE B 231 12.73 7.73 25.15
N ILE B 232 12.82 6.44 25.42
CA ILE B 232 11.76 5.75 26.13
C ILE B 232 12.29 5.51 27.54
N LYS B 233 11.68 6.18 28.51
CA LYS B 233 12.10 6.08 29.90
C LYS B 233 12.02 4.72 30.57
N ARG B 234 10.94 3.97 30.33
CA ARG B 234 10.82 2.66 30.93
C ARG B 234 10.27 1.63 29.95
N LYS B 235 10.59 0.36 30.18
CA LYS B 235 10.11 -0.70 29.32
C LYS B 235 8.93 -1.40 29.98
N PRO B 236 7.71 -1.13 29.51
CA PRO B 236 6.53 -1.78 30.09
C PRO B 236 6.43 -3.26 29.70
N GLU B 237 5.60 -4.00 30.43
CA GLU B 237 5.45 -5.43 30.20
C GLU B 237 4.79 -5.81 28.89
N SER B 238 4.29 -4.83 28.15
CA SER B 238 3.66 -5.12 26.86
C SER B 238 3.54 -3.85 26.02
N ILE B 239 3.16 -4.03 24.75
CA ILE B 239 3.00 -2.91 23.82
C ILE B 239 1.75 -2.11 24.16
N PHE B 240 0.90 -2.68 25.02
CA PHE B 240 -0.35 -2.03 25.40
C PHE B 240 -0.27 -1.29 26.74
N ASP B 241 0.91 -1.25 27.34
CA ASP B 241 1.07 -0.61 28.65
C ASP B 241 1.81 0.71 28.69
N TYR B 242 2.13 1.28 27.53
CA TYR B 242 2.84 2.55 27.49
C TYR B 242 1.96 3.72 27.97
N ARG B 243 2.61 4.79 28.42
CA ARG B 243 1.91 6.00 28.87
C ARG B 243 2.65 7.20 28.32
N PHE B 244 1.95 8.34 28.26
CA PHE B 244 2.54 9.56 27.75
C PHE B 244 3.88 9.90 28.42
N GLU B 245 3.97 9.62 29.71
CA GLU B 245 5.17 9.91 30.49
C GLU B 245 6.40 9.10 30.10
N ASP B 246 6.19 7.93 29.50
CA ASP B 246 7.29 7.06 29.10
C ASP B 246 8.12 7.62 27.96
N PHE B 247 7.58 8.57 27.22
CA PHE B 247 8.31 9.13 26.09
C PHE B 247 8.93 10.47 26.39
N GLU B 248 10.12 10.68 25.83
CA GLU B 248 10.84 11.91 26.00
C GLU B 248 11.55 12.23 24.69
N ILE B 249 11.27 13.40 24.15
CA ILE B 249 11.93 13.80 22.92
C ILE B 249 13.08 14.68 23.37
N GLU B 250 14.20 14.63 22.65
CA GLU B 250 15.37 15.39 23.05
C GLU B 250 16.07 16.09 21.89
N GLY B 251 16.46 17.34 22.10
CA GLY B 251 17.15 18.08 21.07
C GLY B 251 16.23 18.62 19.99
N TYR B 252 14.97 18.88 20.35
CA TYR B 252 13.99 19.38 19.39
C TYR B 252 13.90 20.89 19.43
N ASP B 253 14.47 21.55 18.43
CA ASP B 253 14.42 23.00 18.36
C ASP B 253 13.82 23.40 17.02
N PRO B 254 12.50 23.42 16.95
CA PRO B 254 11.79 23.78 15.71
C PRO B 254 11.53 25.28 15.51
N HIS B 255 11.25 25.64 14.26
CA HIS B 255 10.87 27.00 13.93
C HIS B 255 9.48 27.14 14.50
N PRO B 256 8.99 28.36 14.67
CA PRO B 256 7.68 28.59 15.26
C PRO B 256 6.54 27.87 14.54
N GLY B 257 5.50 27.50 15.29
CA GLY B 257 4.37 26.79 14.71
C GLY B 257 3.64 27.63 13.67
N ILE B 258 2.92 26.94 12.78
CA ILE B 258 2.17 27.61 11.71
C ILE B 258 0.71 27.23 11.73
N LYS B 259 -0.16 28.20 12.01
CA LYS B 259 -1.60 27.96 12.07
C LYS B 259 -2.21 27.83 10.68
N ALA B 260 -3.08 26.84 10.53
CA ALA B 260 -3.73 26.60 9.26
C ALA B 260 -5.10 25.97 9.49
N PRO B 261 -6.13 26.46 8.77
CA PRO B 261 -7.50 25.97 8.89
C PRO B 261 -7.63 24.53 8.41
N VAL B 262 -8.46 23.75 9.08
CA VAL B 262 -8.66 22.37 8.69
C VAL B 262 -9.88 22.26 7.76
N ALA B 263 -9.74 21.46 6.71
CA ALA B 263 -10.81 21.29 5.73
C ALA B 263 -11.81 20.21 6.17
N ILE B 264 -13.00 20.65 6.54
CA ILE B 264 -14.06 19.75 6.99
C ILE B 264 -15.23 19.73 6.02
S SO4 C . 4.28 -15.25 1.23
O1 SO4 C . 5.01 -15.97 2.29
O2 SO4 C . 5.13 -14.19 0.67
O3 SO4 C . 3.90 -16.18 0.16
O4 SO4 C . 3.05 -14.65 1.80
S SO4 D . -10.91 11.76 2.17
O1 SO4 D . -10.21 10.95 1.15
O2 SO4 D . -11.32 10.87 3.28
O3 SO4 D . -9.99 12.79 2.67
O4 SO4 D . -12.10 12.38 1.57
N1 CB3 E . 2.24 -16.36 -4.09
C2 CB3 E . 1.67 -15.45 -3.38
NA2 CB3 E . 2.13 -15.16 -2.04
N3 CB3 E . 0.60 -14.70 -3.84
C4 CB3 E . 0.12 -14.90 -5.09
O4 CB3 E . -0.86 -14.20 -5.46
C4A CB3 E . 0.68 -15.86 -5.88
C5 CB3 E . 0.19 -16.07 -7.17
C6 CB3 E . 0.82 -17.06 -7.91
C7 CB3 E . 1.92 -17.84 -7.43
C8 CB3 E . 2.38 -17.59 -6.16
C8A CB3 E . 1.78 -16.60 -5.36
C9 CB3 E . 0.42 -17.39 -9.28
N10 CB3 E . 1.16 -16.61 -10.37
C11 CB3 E . 4.36 -18.31 -12.62
C12 CB3 E . 3.83 -19.03 -11.60
C13 CB3 E . 2.75 -18.42 -10.87
C14 CB3 E . 2.27 -17.16 -11.17
C15 CB3 E . 2.84 -16.40 -12.24
C16 CB3 E . 3.94 -17.01 -12.99
C CB3 E . 5.46 -19.08 -13.31
O CB3 E . 5.85 -20.22 -13.00
N CB3 E . 5.97 -18.39 -14.38
CA CB3 E . 7.01 -19.05 -15.18
CB CB3 E . 6.42 -20.33 -15.92
CG CB3 E . 5.12 -19.84 -16.60
CD CB3 E . 4.52 -21.11 -17.27
OE1 CB3 E . 5.14 -21.54 -18.33
OE2 CB3 E . 3.49 -21.75 -16.87
CT CB3 E . 7.59 -18.08 -16.20
O1 CB3 E . 8.48 -18.54 -16.94
O2 CB3 E . 7.15 -16.93 -16.25
CP1 CB3 E . 0.75 -15.20 -10.78
CP2 CB3 E . 1.53 -14.07 -10.12
CP3 CB3 E . 2.21 -13.19 -9.61
N1 CB3 F . -9.09 11.82 7.60
C2 CB3 F . -8.95 10.59 7.30
NA2 CB3 F . -9.43 10.13 6.04
N3 CB3 F . -8.36 9.67 8.14
C4 CB3 F . -7.88 10.06 9.35
O4 CB3 F . -7.37 9.19 10.09
C4A CB3 F . -8.01 11.37 9.71
C5 CB3 F . -7.53 11.76 10.95
C6 CB3 F . -7.66 13.08 11.31
C7 CB3 F . -8.28 14.06 10.40
C8 CB3 F . -8.75 13.61 9.18
C8A CB3 F . -8.62 12.27 8.80
C9 CB3 F . -7.11 13.56 12.62
N10 CB3 F . -5.66 14.05 12.55
C11 CB3 F . -4.67 18.12 12.92
C12 CB3 F . -6.01 17.81 12.83
C13 CB3 F . -6.29 16.42 12.73
C14 CB3 F . -5.32 15.43 12.70
C15 CB3 F . -3.93 15.82 12.81
C16 CB3 F . -3.61 17.19 12.92
C CB3 F . -4.48 19.58 13.04
O CB3 F . -5.44 20.38 13.02
N CB3 F . -3.18 19.95 13.24
CA CB3 F . -2.87 21.37 13.46
CB CB3 F . -3.35 21.84 14.93
CG CB3 F . -3.05 20.67 15.91
CD CB3 F . -3.55 21.15 17.34
OE1 CB3 F . -2.62 21.60 18.11
OE2 CB3 F . -4.74 21.12 17.79
CT CB3 F . -1.36 21.59 13.35
O1 CB3 F . -0.92 22.76 13.50
O2 CB3 F . -0.64 20.63 13.10
CP1 CB3 F . -4.42 13.13 12.49
CP2 CB3 F . -3.82 12.85 11.12
CP3 CB3 F . -3.29 12.60 10.06
#